data_5PHG
#
_entry.id   5PHG
#
_cell.length_a   71.567
_cell.length_b   71.567
_cell.length_c   150.561
_cell.angle_alpha   90.000
_cell.angle_beta   90.000
_cell.angle_gamma   90.000
#
_symmetry.space_group_name_H-M   'P 43 21 2'
#
loop_
_entity.id
_entity.type
_entity.pdbx_description
1 polymer 'Lysine-specific demethylase 4D'
2 non-polymer 'ZINC ION'
3 non-polymer 'NICKEL (II) ION'
4 non-polymer N-OXALYLGLYCINE
5 non-polymer 1,2-ETHANEDIOL
6 non-polymer 'SULFATE ION'
7 non-polymer 1-(4-fluorophenyl)thiourea
8 water water
#
_entity_poly.entity_id   1
_entity_poly.type   'polypeptide(L)'
_entity_poly.pdbx_seq_one_letter_code
;MHHHHHHSSGVDLGTENLYFQSMETMKSKANCAQNPNCNIMIFHPTKEEFNDFDKYIAYMESQGAHRAGLAKIIPPKEWK
ARETYDNISEILIATPLQQVASGRAGVFTQYHKKKKAMTVGEYRHLANSKKYQTPPHQNFEDLERKYWKNRIYNSPIYGA
DISGSLFDENTKQWNLGHLGTIQDLLEKECGVVIEGVNTPYLYFGMWKTTFAWHTEDMDLYSINYLHLGEPKTWYVVPPE
HGQRLERLARELFPGSSRGCGAFLRHKVALISPTVLKENGIPFNRITQEAGEFMVTFPYGYHAGFNHGFNCAEAINFATP
RWIDYGKMASQCSCGEARVTFSMDAFVRILQPERYDLWKRGQDR
;
_entity_poly.pdbx_strand_id   A
#
loop_
_chem_comp.id
_chem_comp.type
_chem_comp.name
_chem_comp.formula
8P4 non-polymer 1-(4-fluorophenyl)thiourea 'C7 H7 F N2 S'
EDO non-polymer 1,2-ETHANEDIOL 'C2 H6 O2'
NI non-polymer 'NICKEL (II) ION' 'Ni 2'
OGA non-polymer N-OXALYLGLYCINE 'C4 H5 N O5'
SO4 non-polymer 'SULFATE ION' 'O4 S -2'
ZN non-polymer 'ZINC ION' 'Zn 2'
#
# COMPACT_ATOMS: atom_id res chain seq x y z
N ALA A 33 4.10 -25.27 12.25
CA ALA A 33 3.83 -24.12 11.39
C ALA A 33 4.88 -23.02 11.56
N GLN A 34 5.34 -22.48 10.44
CA GLN A 34 6.38 -21.45 10.47
C GLN A 34 5.83 -20.08 10.89
N ASN A 35 6.65 -19.34 11.65
CA ASN A 35 6.30 -18.00 12.12
C ASN A 35 4.92 -17.91 12.81
N PRO A 36 4.70 -18.74 13.84
CA PRO A 36 3.37 -18.77 14.46
C PRO A 36 2.96 -17.48 15.17
N ASN A 37 3.92 -16.68 15.62
CA ASN A 37 3.60 -15.41 16.27
C ASN A 37 3.34 -14.30 15.25
N CYS A 38 3.47 -14.61 13.95
CA CYS A 38 3.15 -13.65 12.87
C CYS A 38 4.03 -12.41 12.91
N ASN A 39 5.31 -12.60 13.18
CA ASN A 39 6.28 -11.51 13.17
C ASN A 39 6.62 -11.07 11.76
N ILE A 40 6.88 -9.78 11.60
CA ILE A 40 7.41 -9.29 10.32
C ILE A 40 8.83 -9.82 10.11
N MET A 41 9.02 -10.54 9.01
CA MET A 41 10.33 -11.09 8.70
C MET A 41 11.08 -10.21 7.71
N ILE A 42 12.41 -10.23 7.84
CA ILE A 42 13.32 -9.46 6.99
C ILE A 42 14.22 -10.42 6.23
N PHE A 43 14.30 -10.25 4.92
CA PHE A 43 15.06 -11.15 4.05
C PHE A 43 16.22 -10.43 3.38
N HIS A 44 17.32 -11.16 3.24
CA HIS A 44 18.53 -10.67 2.57
C HIS A 44 18.94 -11.59 1.43
N PRO A 45 18.19 -11.58 0.31
CA PRO A 45 18.55 -12.47 -0.81
C PRO A 45 19.92 -12.18 -1.42
N THR A 46 20.60 -13.24 -1.84
CA THR A 46 21.82 -13.09 -2.63
C THR A 46 21.46 -12.64 -4.04
N LYS A 47 22.45 -12.22 -4.81
CA LYS A 47 22.15 -11.81 -6.18
C LYS A 47 21.60 -12.99 -6.99
N GLU A 48 22.06 -14.21 -6.69
CA GLU A 48 21.53 -15.39 -7.37
C GLU A 48 20.05 -15.63 -7.02
N GLU A 49 19.73 -15.46 -5.74
CA GLU A 49 18.36 -15.62 -5.27
C GLU A 49 17.43 -14.52 -5.78
N PHE A 50 18.00 -13.42 -6.24
CA PHE A 50 17.23 -12.24 -6.63
C PHE A 50 16.82 -12.32 -8.11
N ASN A 51 17.18 -13.41 -8.77
CA ASN A 51 16.87 -13.55 -10.20
C ASN A 51 15.41 -13.91 -10.47
N ASP A 52 14.89 -14.89 -9.71
CA ASP A 52 13.56 -15.44 -9.94
C ASP A 52 12.58 -14.90 -8.90
N PHE A 53 11.80 -13.90 -9.30
CA PHE A 53 10.90 -13.22 -8.38
C PHE A 53 9.86 -14.17 -7.75
N ASP A 54 9.13 -14.90 -8.59
N ASP A 54 9.16 -14.93 -8.58
CA ASP A 54 8.11 -15.83 -8.11
CA ASP A 54 8.10 -15.79 -8.08
C ASP A 54 8.68 -16.84 -7.12
C ASP A 54 8.65 -16.90 -7.16
N LYS A 55 9.85 -17.39 -7.46
CA LYS A 55 10.48 -18.40 -6.63
C LYS A 55 10.83 -17.83 -5.25
N TYR A 56 11.28 -16.58 -5.19
CA TYR A 56 11.65 -16.02 -3.90
C TYR A 56 10.42 -15.68 -3.05
N ILE A 57 9.33 -15.22 -3.67
CA ILE A 57 8.09 -15.01 -2.91
C ILE A 57 7.64 -16.35 -2.30
N ALA A 58 7.67 -17.42 -3.10
CA ALA A 58 7.31 -18.75 -2.59
C ALA A 58 8.23 -19.18 -1.44
N TYR A 59 9.53 -18.89 -1.57
CA TYR A 59 10.46 -19.20 -0.48
C TYR A 59 10.11 -18.44 0.82
N MET A 60 9.82 -17.14 0.71
N MET A 60 9.83 -17.14 0.71
CA MET A 60 9.46 -16.35 1.87
CA MET A 60 9.46 -16.36 1.88
C MET A 60 8.24 -16.97 2.57
C MET A 60 8.24 -16.98 2.58
N GLU A 61 7.25 -17.39 1.79
CA GLU A 61 6.06 -18.00 2.36
C GLU A 61 6.35 -19.37 2.99
N SER A 62 7.31 -20.11 2.44
CA SER A 62 7.71 -21.39 3.03
C SER A 62 8.29 -21.17 4.43
N GLN A 63 8.77 -19.96 4.71
CA GLN A 63 9.32 -19.61 6.01
C GLN A 63 8.29 -18.91 6.90
N GLY A 64 7.06 -18.80 6.42
CA GLY A 64 5.98 -18.22 7.19
C GLY A 64 5.83 -16.71 7.10
N ALA A 65 6.50 -16.08 6.14
CA ALA A 65 6.50 -14.62 6.08
C ALA A 65 5.10 -14.03 5.94
N HIS A 66 4.24 -14.69 5.17
CA HIS A 66 2.90 -14.16 4.91
C HIS A 66 2.04 -14.06 6.16
N ARG A 67 2.36 -14.82 7.21
CA ARG A 67 1.52 -14.80 8.40
C ARG A 67 1.51 -13.41 9.05
N ALA A 68 2.58 -12.64 8.87
CA ALA A 68 2.63 -11.27 9.39
C ALA A 68 1.76 -10.29 8.60
N GLY A 69 1.55 -10.56 7.32
CA GLY A 69 0.88 -9.61 6.44
C GLY A 69 1.83 -8.70 5.70
N LEU A 70 3.09 -8.65 6.12
CA LEU A 70 4.09 -7.72 5.61
C LEU A 70 5.47 -8.32 5.77
N ALA A 71 6.33 -8.18 4.76
CA ALA A 71 7.75 -8.56 4.87
C ALA A 71 8.65 -7.48 4.29
N LYS A 72 9.87 -7.39 4.80
CA LYS A 72 10.90 -6.52 4.24
C LYS A 72 11.91 -7.34 3.46
N ILE A 73 12.31 -6.85 2.29
CA ILE A 73 13.36 -7.49 1.49
C ILE A 73 14.45 -6.47 1.19
N ILE A 74 15.65 -6.76 1.67
CA ILE A 74 16.79 -5.91 1.43
C ILE A 74 17.54 -6.48 0.21
N PRO A 75 17.64 -5.69 -0.88
CA PRO A 75 18.28 -6.20 -2.10
C PRO A 75 19.76 -6.50 -1.91
N PRO A 76 20.32 -7.39 -2.72
CA PRO A 76 21.77 -7.62 -2.72
C PRO A 76 22.56 -6.32 -2.91
N LYS A 77 23.75 -6.25 -2.32
CA LYS A 77 24.56 -5.04 -2.39
C LYS A 77 24.96 -4.68 -3.83
N GLU A 78 24.94 -5.67 -4.72
CA GLU A 78 25.31 -5.47 -6.13
C GLU A 78 24.18 -4.86 -6.96
N TRP A 79 22.97 -4.81 -6.41
CA TRP A 79 21.80 -4.40 -7.18
C TRP A 79 21.51 -2.90 -7.05
N LYS A 80 20.95 -2.34 -8.11
CA LYS A 80 20.45 -0.97 -8.06
CA LYS A 80 20.43 -0.97 -8.04
C LYS A 80 19.21 -0.80 -8.94
N ALA A 81 18.29 0.07 -8.52
CA ALA A 81 17.08 0.31 -9.28
C ALA A 81 17.35 1.12 -10.55
N ARG A 82 18.24 2.10 -10.43
CA ARG A 82 18.65 2.96 -11.53
C ARG A 82 19.96 3.61 -11.14
N GLU A 83 20.58 4.33 -12.07
CA GLU A 83 21.88 4.91 -11.82
C GLU A 83 21.84 6.07 -10.81
N THR A 84 21.00 7.07 -11.07
CA THR A 84 20.86 8.22 -10.17
CA THR A 84 20.86 8.19 -10.15
C THR A 84 19.43 8.73 -10.16
N TYR A 85 19.11 9.52 -9.15
CA TYR A 85 17.80 10.18 -9.08
C TYR A 85 17.94 11.68 -9.36
N ASP A 86 18.98 12.04 -10.10
CA ASP A 86 19.31 13.44 -10.33
C ASP A 86 18.40 14.16 -11.30
N ASN A 87 17.63 13.42 -12.10
CA ASN A 87 16.85 14.08 -13.16
C ASN A 87 15.36 13.77 -13.11
N ILE A 88 14.81 13.70 -11.91
CA ILE A 88 13.39 13.39 -11.74
C ILE A 88 12.52 14.61 -11.43
N SER A 89 13.10 15.80 -11.40
CA SER A 89 12.38 16.97 -10.91
CA SER A 89 12.37 16.97 -10.91
C SER A 89 11.27 17.46 -11.84
N GLU A 90 11.30 17.01 -13.10
CA GLU A 90 10.30 17.47 -14.08
C GLU A 90 9.08 16.56 -14.19
N ILE A 91 9.09 15.45 -13.46
CA ILE A 91 7.89 14.63 -13.33
C ILE A 91 6.74 15.51 -12.82
N LEU A 92 5.55 15.37 -13.38
CA LEU A 92 4.40 16.16 -12.93
C LEU A 92 3.54 15.38 -11.96
N ILE A 93 3.19 16.04 -10.87
CA ILE A 93 2.13 15.60 -9.96
C ILE A 93 0.88 16.37 -10.36
N ALA A 94 0.06 15.78 -11.21
CA ALA A 94 -1.09 16.48 -11.80
C ALA A 94 -2.12 16.89 -10.77
N THR A 95 -2.29 16.05 -9.74
CA THR A 95 -3.30 16.31 -8.73
C THR A 95 -2.77 15.99 -7.34
N PRO A 96 -1.96 16.89 -6.78
CA PRO A 96 -1.51 16.70 -5.40
C PRO A 96 -2.73 16.66 -4.47
N LEU A 97 -2.66 15.87 -3.41
CA LEU A 97 -3.79 15.71 -2.50
C LEU A 97 -3.47 16.20 -1.09
N GLN A 98 -4.26 17.15 -0.61
CA GLN A 98 -4.10 17.66 0.76
C GLN A 98 -4.93 16.78 1.69
N GLN A 99 -4.28 16.18 2.68
CA GLN A 99 -4.93 15.18 3.54
C GLN A 99 -5.44 15.81 4.84
N VAL A 100 -6.72 16.13 4.84
CA VAL A 100 -7.33 16.88 5.93
C VAL A 100 -8.01 15.92 6.91
N ALA A 101 -7.61 16.00 8.19
CA ALA A 101 -8.09 15.05 9.20
C ALA A 101 -9.30 15.55 10.00
N SER A 102 -10.12 14.59 10.46
CA SER A 102 -11.23 14.85 11.37
C SER A 102 -11.30 13.77 12.42
N GLY A 103 -11.54 14.14 13.68
CA GLY A 103 -11.68 13.16 14.75
C GLY A 103 -10.77 13.47 15.92
N ARG A 104 -10.21 12.41 16.50
N ARG A 104 -10.23 12.43 16.54
CA ARG A 104 -9.30 12.50 17.63
CA ARG A 104 -9.29 12.60 17.65
C ARG A 104 -7.90 12.11 17.18
C ARG A 104 -7.93 12.01 17.24
N ALA A 105 -6.91 12.34 18.03
CA ALA A 105 -5.51 12.05 17.65
C ALA A 105 -5.29 10.60 17.27
N GLY A 106 -5.92 9.69 18.01
CA GLY A 106 -5.75 8.27 17.78
C GLY A 106 -6.81 7.57 16.94
N VAL A 107 -7.89 8.28 16.62
CA VAL A 107 -8.99 7.72 15.83
C VAL A 107 -9.54 8.82 14.94
N PHE A 108 -9.18 8.80 13.66
CA PHE A 108 -9.57 9.89 12.77
C PHE A 108 -9.76 9.40 11.35
N THR A 109 -10.47 10.19 10.56
CA THR A 109 -10.53 9.96 9.14
C THR A 109 -9.80 11.09 8.41
N GLN A 110 -9.46 10.87 7.16
CA GLN A 110 -8.92 11.95 6.34
C GLN A 110 -9.62 12.00 5.00
N TYR A 111 -9.83 13.21 4.51
CA TYR A 111 -10.32 13.33 3.14
C TYR A 111 -9.26 14.04 2.31
N HIS A 112 -9.34 13.85 1.01
CA HIS A 112 -8.33 14.34 0.09
C HIS A 112 -8.86 15.52 -0.69
N LYS A 113 -8.28 16.68 -0.43
CA LYS A 113 -8.63 17.91 -1.13
C LYS A 113 -7.66 18.10 -2.31
N LYS A 114 -8.20 18.21 -3.51
CA LYS A 114 -7.36 18.34 -4.70
C LYS A 114 -6.70 19.72 -4.77
N LYS A 115 -5.41 19.74 -5.11
CA LYS A 115 -4.64 20.97 -5.24
C LYS A 115 -4.16 21.13 -6.67
N LYS A 116 -3.67 22.32 -7.00
CA LYS A 116 -3.16 22.58 -8.34
C LYS A 116 -1.89 21.77 -8.64
N ALA A 117 -1.68 21.44 -9.91
CA ALA A 117 -0.55 20.62 -10.34
C ALA A 117 0.79 21.25 -9.96
N MET A 118 1.78 20.40 -9.68
N MET A 118 1.75 20.39 -9.60
CA MET A 118 3.13 20.88 -9.46
CA MET A 118 3.13 20.80 -9.34
C MET A 118 4.12 19.80 -9.85
C MET A 118 4.10 19.80 -9.95
N THR A 119 5.33 20.21 -10.21
CA THR A 119 6.38 19.27 -10.56
C THR A 119 6.97 18.66 -9.29
N VAL A 120 7.69 17.56 -9.45
CA VAL A 120 8.36 16.94 -8.32
C VAL A 120 9.37 17.91 -7.67
N GLY A 121 10.06 18.72 -8.49
CA GLY A 121 10.97 19.72 -7.93
C GLY A 121 10.24 20.73 -7.06
N GLU A 122 9.09 21.19 -7.52
CA GLU A 122 8.27 22.12 -6.72
C GLU A 122 7.77 21.45 -5.45
N TYR A 123 7.36 20.19 -5.57
CA TYR A 123 6.84 19.43 -4.44
C TYR A 123 7.93 19.22 -3.37
N ARG A 124 9.13 18.89 -3.81
N ARG A 124 9.14 18.89 -3.81
CA ARG A 124 10.25 18.70 -2.89
CA ARG A 124 10.24 18.70 -2.87
C ARG A 124 10.53 19.99 -2.11
C ARG A 124 10.53 19.99 -2.10
N HIS A 125 10.51 21.12 -2.81
CA HIS A 125 10.71 22.40 -2.16
C HIS A 125 9.61 22.68 -1.12
N LEU A 126 8.38 22.34 -1.45
CA LEU A 126 7.27 22.50 -0.52
C LEU A 126 7.44 21.60 0.71
N ALA A 127 7.82 20.34 0.48
CA ALA A 127 8.05 19.38 1.56
C ALA A 127 9.11 19.87 2.54
N ASN A 128 10.11 20.58 2.03
CA ASN A 128 11.22 21.04 2.85
C ASN A 128 11.00 22.44 3.47
N SER A 129 9.85 23.05 3.19
CA SER A 129 9.55 24.38 3.71
C SER A 129 9.30 24.32 5.21
N LYS A 130 9.38 25.45 5.90
CA LYS A 130 9.16 25.46 7.34
C LYS A 130 7.78 24.89 7.72
N LYS A 131 6.77 25.17 6.90
CA LYS A 131 5.40 24.73 7.19
C LYS A 131 5.27 23.20 7.20
N TYR A 132 6.00 22.53 6.32
CA TYR A 132 5.78 21.10 6.09
C TYR A 132 6.93 20.17 6.47
N GLN A 133 8.10 20.72 6.80
N GLN A 133 8.10 20.72 6.81
CA GLN A 133 9.29 19.90 7.02
CA GLN A 133 9.29 19.91 7.01
C GLN A 133 9.21 19.07 8.30
C GLN A 133 9.26 19.09 8.31
N THR A 134 9.90 17.93 8.29
CA THR A 134 10.08 17.08 9.46
C THR A 134 10.63 17.86 10.64
N PRO A 135 10.04 17.70 11.82
CA PRO A 135 10.57 18.39 13.01
C PRO A 135 11.85 17.73 13.53
N PRO A 136 12.62 18.45 14.36
CA PRO A 136 13.74 17.82 15.06
C PRO A 136 13.25 16.61 15.86
N HIS A 137 14.02 15.53 15.87
CA HIS A 137 13.63 14.31 16.59
C HIS A 137 14.86 13.46 16.92
N GLN A 138 14.74 12.64 17.95
CA GLN A 138 15.86 11.86 18.46
C GLN A 138 16.13 10.57 17.69
N ASN A 139 15.06 9.92 17.27
CA ASN A 139 15.11 8.62 16.60
C ASN A 139 13.76 8.33 15.97
N PHE A 140 13.59 7.14 15.37
CA PHE A 140 12.32 6.80 14.71
C PHE A 140 11.17 6.74 15.72
N GLU A 141 11.44 6.22 16.92
CA GLU A 141 10.42 6.10 17.95
C GLU A 141 9.90 7.48 18.40
N ASP A 142 10.82 8.43 18.54
CA ASP A 142 10.47 9.80 18.90
C ASP A 142 9.59 10.42 17.81
N LEU A 143 9.97 10.22 16.55
CA LEU A 143 9.18 10.77 15.46
C LEU A 143 7.80 10.11 15.40
N GLU A 144 7.74 8.81 15.65
CA GLU A 144 6.45 8.10 15.72
C GLU A 144 5.52 8.71 16.78
N ARG A 145 6.06 9.00 17.96
N ARG A 145 6.07 8.99 17.96
CA ARG A 145 5.27 9.64 19.00
CA ARG A 145 5.32 9.64 19.03
C ARG A 145 4.74 11.00 18.54
C ARG A 145 4.76 10.99 18.57
N LYS A 146 5.60 11.78 17.91
CA LYS A 146 5.20 13.08 17.39
C LYS A 146 4.11 12.95 16.33
N TYR A 147 4.24 11.96 15.45
CA TYR A 147 3.23 11.73 14.42
C TYR A 147 1.85 11.50 15.05
N TRP A 148 1.75 10.57 15.99
CA TRP A 148 0.42 10.25 16.51
C TRP A 148 -0.12 11.32 17.43
N LYS A 149 0.77 12.10 18.04
CA LYS A 149 0.35 13.19 18.90
CA LYS A 149 0.34 13.19 18.90
C LYS A 149 -0.23 14.35 18.08
N ASN A 150 0.43 14.65 16.96
CA ASN A 150 0.18 15.90 16.24
C ASN A 150 -0.38 15.82 14.82
N ARG A 151 -0.50 14.62 14.26
CA ARG A 151 -0.92 14.45 12.86
C ARG A 151 -2.20 15.21 12.53
N ILE A 152 -3.22 15.14 13.39
CA ILE A 152 -4.51 15.68 12.98
C ILE A 152 -4.52 17.21 12.87
N TYR A 153 -3.52 17.87 13.46
CA TYR A 153 -3.49 19.33 13.48
C TYR A 153 -2.81 19.94 12.26
N ASN A 154 -2.43 19.08 11.31
CA ASN A 154 -1.78 19.53 10.08
C ASN A 154 -2.42 18.84 8.88
N SER A 155 -2.24 19.42 7.68
CA SER A 155 -2.78 18.82 6.47
C SER A 155 -1.70 18.70 5.39
N PRO A 156 -0.88 17.64 5.47
CA PRO A 156 0.22 17.47 4.53
C PRO A 156 -0.32 17.17 3.12
N ILE A 157 0.53 17.38 2.12
CA ILE A 157 0.14 17.20 0.72
C ILE A 157 0.91 16.02 0.15
N TYR A 158 0.18 15.09 -0.50
N TYR A 158 0.24 15.09 -0.51
CA TYR A 158 0.68 13.81 -1.03
CA TYR A 158 1.03 14.02 -1.10
C TYR A 158 0.59 13.79 -2.57
C TYR A 158 0.61 13.70 -2.51
N GLY A 159 1.62 13.32 -3.26
CA GLY A 159 1.49 13.00 -4.67
C GLY A 159 1.30 11.51 -4.83
N ALA A 160 0.06 11.06 -4.89
CA ALA A 160 -0.21 9.61 -4.87
C ALA A 160 -0.77 9.08 -6.18
N ASP A 161 -0.59 7.78 -6.40
CA ASP A 161 -1.21 7.08 -7.52
C ASP A 161 -0.88 7.72 -8.87
N ILE A 162 0.40 7.99 -9.08
CA ILE A 162 0.87 8.56 -10.33
C ILE A 162 1.38 7.41 -11.21
N SER A 163 0.69 7.13 -12.30
N SER A 163 0.71 7.16 -12.32
CA SER A 163 1.12 6.03 -13.17
CA SER A 163 1.12 6.09 -13.22
C SER A 163 2.53 6.31 -13.72
C SER A 163 2.54 6.32 -13.75
N GLY A 164 3.43 5.35 -13.56
CA GLY A 164 4.79 5.50 -14.03
C GLY A 164 5.77 4.62 -13.29
N SER A 165 7.05 4.69 -13.68
CA SER A 165 8.10 3.88 -13.05
C SER A 165 9.43 4.63 -13.04
N LEU A 166 10.24 4.39 -12.00
CA LEU A 166 11.59 4.94 -11.94
C LEU A 166 12.65 3.85 -12.05
N PHE A 167 12.24 2.62 -12.35
CA PHE A 167 13.22 1.56 -12.60
C PHE A 167 13.83 1.71 -13.99
N ASP A 168 15.16 1.60 -14.06
CA ASP A 168 15.86 1.59 -15.34
C ASP A 168 15.39 0.39 -16.14
N GLU A 169 15.15 0.56 -17.45
CA GLU A 169 14.68 -0.58 -18.24
C GLU A 169 15.70 -1.72 -18.27
N ASN A 170 16.96 -1.42 -18.00
CA ASN A 170 18.01 -2.43 -17.97
C ASN A 170 18.16 -3.14 -16.62
N THR A 171 17.37 -2.72 -15.63
CA THR A 171 17.35 -3.43 -14.36
C THR A 171 16.50 -4.67 -14.53
N LYS A 172 17.13 -5.84 -14.45
CA LYS A 172 16.45 -7.08 -14.78
C LYS A 172 15.81 -7.77 -13.58
N GLN A 173 16.31 -7.48 -12.39
CA GLN A 173 15.82 -8.13 -11.18
C GLN A 173 14.90 -7.21 -10.39
N TRP A 174 13.73 -7.73 -9.99
CA TRP A 174 12.78 -7.03 -9.12
C TRP A 174 12.45 -5.63 -9.66
N ASN A 175 12.28 -5.57 -10.98
CA ASN A 175 11.85 -4.37 -11.67
C ASN A 175 10.32 -4.34 -11.63
N LEU A 176 9.74 -3.41 -10.88
CA LEU A 176 8.29 -3.43 -10.65
C LEU A 176 7.47 -3.12 -11.90
N GLY A 177 8.11 -2.65 -12.98
CA GLY A 177 7.43 -2.49 -14.25
C GLY A 177 7.54 -3.69 -15.19
N HIS A 178 8.23 -4.75 -14.73
CA HIS A 178 8.46 -5.94 -15.55
C HIS A 178 7.96 -7.23 -14.89
N LEU A 179 7.06 -7.11 -13.92
CA LEU A 179 6.52 -8.30 -13.28
C LEU A 179 5.47 -8.99 -14.15
N GLY A 180 5.28 -10.29 -13.92
CA GLY A 180 4.18 -11.00 -14.54
C GLY A 180 2.86 -10.37 -14.12
N THR A 181 1.91 -10.28 -15.05
CA THR A 181 0.67 -9.56 -14.77
C THR A 181 -0.33 -10.43 -14.02
N ILE A 182 -1.23 -9.78 -13.28
CA ILE A 182 -2.28 -10.49 -12.58
CA ILE A 182 -2.23 -10.54 -12.57
C ILE A 182 -3.21 -11.20 -13.55
N GLN A 183 -3.43 -10.57 -14.71
CA GLN A 183 -4.30 -11.17 -15.72
C GLN A 183 -3.68 -12.48 -16.24
N ASP A 184 -2.37 -12.49 -16.45
CA ASP A 184 -1.71 -13.72 -16.89
C ASP A 184 -1.70 -14.77 -15.79
N LEU A 185 -1.60 -14.36 -14.53
CA LEU A 185 -1.67 -15.31 -13.42
C LEU A 185 -3.05 -15.98 -13.40
N LEU A 186 -4.10 -15.19 -13.50
N LEU A 186 -4.11 -15.19 -13.51
CA LEU A 186 -5.45 -15.75 -13.50
CA LEU A 186 -5.46 -15.74 -13.50
C LEU A 186 -5.62 -16.73 -14.65
C LEU A 186 -5.66 -16.71 -14.65
N GLU A 187 -5.10 -16.37 -15.81
CA GLU A 187 -5.19 -17.24 -16.97
C GLU A 187 -4.40 -18.54 -16.77
N LYS A 188 -3.20 -18.45 -16.22
CA LYS A 188 -2.39 -19.64 -15.95
C LYS A 188 -3.07 -20.57 -14.95
N GLU A 189 -3.71 -20.00 -13.94
CA GLU A 189 -4.31 -20.80 -12.87
C GLU A 189 -5.69 -21.35 -13.20
N CYS A 190 -6.49 -20.54 -13.89
N CYS A 190 -6.54 -20.56 -13.85
CA CYS A 190 -7.91 -20.84 -14.04
CA CYS A 190 -7.91 -21.01 -14.05
C CYS A 190 -8.32 -21.05 -15.50
C CYS A 190 -8.32 -21.11 -15.52
N GLY A 191 -7.40 -20.79 -16.42
CA GLY A 191 -7.64 -21.00 -17.84
C GLY A 191 -8.49 -19.97 -18.55
N VAL A 192 -8.88 -18.92 -17.85
CA VAL A 192 -9.71 -17.86 -18.43
CA VAL A 192 -9.71 -17.88 -18.45
C VAL A 192 -8.86 -16.68 -18.89
N VAL A 193 -9.07 -16.24 -20.12
CA VAL A 193 -8.37 -15.08 -20.64
C VAL A 193 -9.22 -13.85 -20.37
N ILE A 194 -8.64 -12.80 -19.82
CA ILE A 194 -9.39 -11.59 -19.50
C ILE A 194 -8.70 -10.32 -19.98
N GLU A 195 -9.50 -9.28 -20.21
CA GLU A 195 -8.98 -7.95 -20.50
C GLU A 195 -8.34 -7.35 -19.25
N GLY A 196 -7.57 -6.29 -19.44
CA GLY A 196 -7.00 -5.53 -18.34
C GLY A 196 -5.49 -5.52 -18.35
N VAL A 197 -4.94 -4.50 -17.71
CA VAL A 197 -3.50 -4.35 -17.57
C VAL A 197 -3.20 -3.97 -16.13
N ASN A 198 -1.91 -3.90 -15.83
N ASN A 198 -1.98 -4.16 -15.70
CA ASN A 198 -1.36 -3.95 -14.47
CA ASN A 198 -1.60 -3.55 -14.43
C ASN A 198 -0.03 -3.17 -14.39
C ASN A 198 -0.19 -3.08 -14.55
N THR A 199 -0.04 -1.85 -14.11
CA THR A 199 1.20 -1.07 -14.20
C THR A 199 1.52 -0.39 -12.85
N PRO A 200 2.78 0.01 -12.64
CA PRO A 200 3.13 0.58 -11.34
C PRO A 200 2.65 2.01 -11.11
N TYR A 201 2.65 2.42 -9.85
N TYR A 201 2.60 2.38 -9.83
CA TYR A 201 2.32 3.78 -9.47
CA TYR A 201 2.28 3.73 -9.36
C TYR A 201 3.42 4.38 -8.60
C TYR A 201 3.51 4.35 -8.67
N LEU A 202 3.65 5.67 -8.80
CA LEU A 202 4.63 6.42 -8.01
C LEU A 202 3.91 7.20 -6.90
N TYR A 203 4.60 7.38 -5.78
CA TYR A 203 4.09 8.11 -4.63
C TYR A 203 5.14 9.07 -4.15
N PHE A 204 4.85 10.35 -4.17
CA PHE A 204 5.76 11.36 -3.60
C PHE A 204 5.19 11.82 -2.28
N GLY A 205 5.94 11.64 -1.19
CA GLY A 205 5.43 11.95 0.14
C GLY A 205 6.21 13.03 0.86
N MET A 206 5.64 13.49 1.97
CA MET A 206 6.30 14.45 2.85
C MET A 206 5.96 14.06 4.29
N TRP A 207 6.54 14.77 5.25
CA TRP A 207 6.24 14.51 6.66
C TRP A 207 4.73 14.48 6.91
N LYS A 208 4.30 13.44 7.64
CA LYS A 208 2.90 13.23 8.08
C LYS A 208 1.96 12.74 6.99
N THR A 209 2.41 12.66 5.74
CA THR A 209 1.64 12.04 4.69
CA THR A 209 1.52 12.08 4.74
C THR A 209 1.23 10.63 5.15
N THR A 210 -0.02 10.24 4.94
CA THR A 210 -0.60 9.10 5.62
C THR A 210 -1.29 8.12 4.68
N PHE A 211 -1.05 6.82 4.86
CA PHE A 211 -1.93 5.86 4.20
C PHE A 211 -2.80 5.13 5.21
N ALA A 212 -4.11 5.19 4.94
CA ALA A 212 -5.15 4.70 5.83
C ALA A 212 -5.17 3.16 5.87
N TRP A 213 -5.81 2.61 6.91
CA TRP A 213 -5.95 1.16 7.04
C TRP A 213 -6.68 0.54 5.84
N HIS A 214 -6.04 -0.43 5.18
CA HIS A 214 -6.65 -1.08 4.01
C HIS A 214 -5.98 -2.41 3.72
N THR A 215 -6.70 -3.27 3.00
CA THR A 215 -6.05 -4.33 2.22
C THR A 215 -6.05 -3.91 0.76
N GLU A 216 -5.35 -4.65 -0.10
CA GLU A 216 -5.32 -4.29 -1.52
C GLU A 216 -6.64 -4.62 -2.21
N ASP A 217 -6.85 -4.03 -3.37
CA ASP A 217 -7.92 -4.47 -4.24
C ASP A 217 -7.69 -5.96 -4.43
N MET A 218 -8.88 -6.53 -4.23
N MET A 218 -8.88 -6.55 -4.26
CA MET A 218 -9.25 -7.91 -4.44
CA MET A 218 -9.23 -7.95 -4.45
C MET A 218 -8.44 -8.73 -3.47
C MET A 218 -8.46 -8.76 -3.44
N ASP A 219 -8.14 -8.13 -2.32
CA ASP A 219 -7.05 -8.71 -1.46
C ASP A 219 -5.79 -9.28 -2.16
N LEU A 220 -5.31 -8.54 -3.15
CA LEU A 220 -4.06 -8.87 -3.84
C LEU A 220 -2.81 -8.65 -2.97
N TYR A 221 -1.67 -9.14 -3.43
CA TYR A 221 -0.39 -8.72 -2.86
C TYR A 221 -0.09 -7.31 -3.32
N SER A 222 0.80 -6.63 -2.60
CA SER A 222 1.45 -5.46 -3.16
CA SER A 222 1.44 -5.44 -3.12
C SER A 222 2.94 -5.54 -2.89
N ILE A 223 3.71 -4.85 -3.72
CA ILE A 223 5.14 -4.69 -3.47
C ILE A 223 5.47 -3.21 -3.64
N ASN A 224 6.28 -2.70 -2.72
CA ASN A 224 6.57 -1.29 -2.58
C ASN A 224 8.08 -1.09 -2.47
N TYR A 225 8.65 -0.32 -3.38
CA TYR A 225 10.07 0.01 -3.32
C TYR A 225 10.25 1.49 -2.95
N LEU A 226 11.03 1.78 -1.90
CA LEU A 226 11.30 3.15 -1.50
C LEU A 226 12.54 3.63 -2.27
N HIS A 227 12.31 4.38 -3.34
CA HIS A 227 13.39 4.81 -4.24
C HIS A 227 14.38 5.77 -3.61
N LEU A 228 13.87 6.73 -2.84
N LEU A 228 13.87 6.73 -2.85
CA LEU A 228 14.65 7.91 -2.49
CA LEU A 228 14.72 7.80 -2.36
C LEU A 228 14.05 8.66 -1.31
C LEU A 228 14.06 8.47 -1.17
N GLY A 229 14.88 9.20 -0.42
CA GLY A 229 14.41 10.10 0.62
C GLY A 229 14.23 9.49 1.99
N GLU A 230 13.33 10.10 2.75
CA GLU A 230 13.12 9.76 4.15
C GLU A 230 12.26 8.50 4.32
N PRO A 231 12.31 7.88 5.51
CA PRO A 231 11.62 6.59 5.68
C PRO A 231 10.10 6.62 5.64
N LYS A 232 9.56 5.40 5.62
CA LYS A 232 8.12 5.17 5.69
CA LYS A 232 8.11 5.19 5.73
C LYS A 232 7.88 4.16 6.82
N THR A 233 7.04 4.51 7.80
CA THR A 233 6.69 3.56 8.86
C THR A 233 5.38 2.86 8.55
N TRP A 234 5.37 1.53 8.72
CA TRP A 234 4.23 0.67 8.42
C TRP A 234 3.65 0.03 9.68
N TYR A 235 2.33 -0.12 9.71
CA TYR A 235 1.63 -0.96 10.69
C TYR A 235 0.88 -2.06 9.93
N VAL A 236 0.80 -3.26 10.50
CA VAL A 236 0.14 -4.36 9.78
C VAL A 236 -0.54 -5.34 10.76
N VAL A 237 -1.72 -5.82 10.36
CA VAL A 237 -2.45 -6.84 11.11
C VAL A 237 -2.31 -8.17 10.37
N PRO A 238 -1.94 -9.25 11.08
CA PRO A 238 -1.85 -10.57 10.43
C PRO A 238 -3.14 -10.91 9.68
N PRO A 239 -3.05 -11.47 8.46
CA PRO A 239 -4.27 -11.83 7.74
C PRO A 239 -5.22 -12.72 8.52
N GLU A 240 -4.72 -13.63 9.36
CA GLU A 240 -5.62 -14.50 10.10
C GLU A 240 -6.44 -13.72 11.15
N HIS A 241 -6.05 -12.47 11.42
CA HIS A 241 -6.78 -11.65 12.39
C HIS A 241 -7.43 -10.39 11.80
N GLY A 242 -7.50 -10.32 10.48
CA GLY A 242 -8.08 -9.16 9.82
C GLY A 242 -9.48 -8.80 10.28
N GLN A 243 -10.30 -9.81 10.55
CA GLN A 243 -11.67 -9.56 10.96
CA GLN A 243 -11.68 -9.58 10.98
C GLN A 243 -11.75 -8.87 12.33
N ARG A 244 -10.73 -9.05 13.16
CA ARG A 244 -10.66 -8.33 14.43
C ARG A 244 -10.51 -6.83 14.21
N LEU A 245 -9.67 -6.46 13.25
CA LEU A 245 -9.54 -5.04 12.91
C LEU A 245 -10.85 -4.49 12.33
N GLU A 246 -11.50 -5.27 11.48
CA GLU A 246 -12.77 -4.84 10.89
C GLU A 246 -13.82 -4.59 11.97
N ARG A 247 -13.90 -5.48 12.95
CA ARG A 247 -14.87 -5.32 14.03
C ARG A 247 -14.59 -4.05 14.84
N LEU A 248 -13.33 -3.79 15.17
CA LEU A 248 -12.99 -2.56 15.88
C LEU A 248 -13.34 -1.32 15.04
N ALA A 249 -13.00 -1.36 13.74
CA ALA A 249 -13.32 -0.24 12.87
C ALA A 249 -14.82 0.05 12.84
N ARG A 250 -15.65 -0.99 12.84
N ARG A 250 -15.65 -0.99 12.83
CA ARG A 250 -17.10 -0.78 12.85
CA ARG A 250 -17.10 -0.78 12.85
C ARG A 250 -17.57 -0.11 14.14
C ARG A 250 -17.53 -0.07 14.13
N GLU A 251 -16.89 -0.41 15.24
CA GLU A 251 -17.20 0.22 16.52
C GLU A 251 -16.73 1.68 16.56
N LEU A 252 -15.55 1.95 16.00
CA LEU A 252 -14.94 3.27 16.07
C LEU A 252 -15.46 4.26 15.04
N PHE A 253 -16.01 3.75 13.94
CA PHE A 253 -16.56 4.60 12.89
C PHE A 253 -17.99 4.13 12.58
N PRO A 254 -18.91 4.33 13.55
CA PRO A 254 -20.22 3.67 13.41
C PRO A 254 -21.07 4.20 12.25
N GLY A 255 -21.05 5.50 11.97
CA GLY A 255 -21.78 6.02 10.83
C GLY A 255 -21.26 5.47 9.52
N SER A 256 -19.94 5.41 9.37
CA SER A 256 -19.35 4.87 8.15
C SER A 256 -19.75 3.42 7.95
N SER A 257 -19.77 2.66 9.04
CA SER A 257 -20.14 1.25 8.99
C SER A 257 -21.58 1.05 8.52
N ARG A 258 -22.50 1.91 8.98
CA ARG A 258 -23.88 1.82 8.53
C ARG A 258 -24.02 2.13 7.05
N GLY A 259 -23.17 3.00 6.54
CA GLY A 259 -23.22 3.42 5.14
C GLY A 259 -22.68 2.40 4.16
N CYS A 260 -21.75 1.56 4.61
CA CYS A 260 -21.11 0.59 3.73
C CYS A 260 -20.55 -0.60 4.50
N GLY A 261 -20.89 -1.80 4.06
CA GLY A 261 -20.45 -3.03 4.70
C GLY A 261 -18.97 -3.33 4.54
N ALA A 262 -18.29 -2.53 3.73
CA ALA A 262 -16.86 -2.67 3.51
C ALA A 262 -16.17 -1.31 3.45
N PHE A 263 -16.47 -0.44 4.41
CA PHE A 263 -16.02 0.95 4.29
C PHE A 263 -14.50 1.13 4.41
N LEU A 264 -13.75 0.15 4.90
CA LEU A 264 -12.29 0.31 4.90
C LEU A 264 -11.75 0.36 3.47
N ARG A 265 -12.54 -0.14 2.52
CA ARG A 265 -12.21 -0.02 1.08
C ARG A 265 -12.13 1.45 0.64
N HIS A 266 -12.73 2.35 1.41
CA HIS A 266 -12.69 3.77 1.08
C HIS A 266 -11.31 4.37 1.36
N LYS A 267 -10.51 3.68 2.17
CA LYS A 267 -9.14 4.07 2.51
C LYS A 267 -9.06 5.47 3.10
N VAL A 268 -9.85 5.70 4.15
CA VAL A 268 -9.81 6.99 4.83
C VAL A 268 -9.72 6.90 6.36
N ALA A 269 -9.68 5.69 6.93
CA ALA A 269 -9.74 5.55 8.39
C ALA A 269 -8.38 5.26 9.03
N LEU A 270 -8.05 5.98 10.10
CA LEU A 270 -6.82 5.75 10.84
C LEU A 270 -7.11 5.40 12.30
N ILE A 271 -6.37 4.44 12.81
CA ILE A 271 -6.43 4.01 14.20
C ILE A 271 -4.99 3.86 14.67
N SER A 272 -4.64 4.50 15.78
CA SER A 272 -3.25 4.52 16.28
C SER A 272 -2.84 3.19 16.93
N PRO A 273 -1.52 2.94 17.03
CA PRO A 273 -1.07 1.73 17.74
C PRO A 273 -1.53 1.69 19.19
N THR A 274 -1.63 2.84 19.84
CA THR A 274 -2.12 2.88 21.22
C THR A 274 -3.57 2.39 21.31
N VAL A 275 -4.42 2.84 20.38
CA VAL A 275 -5.82 2.40 20.40
C VAL A 275 -5.92 0.91 20.00
N LEU A 276 -5.10 0.45 19.06
CA LEU A 276 -5.08 -0.97 18.75
C LEU A 276 -4.72 -1.81 19.99
N LYS A 277 -3.68 -1.39 20.72
CA LYS A 277 -3.28 -2.10 21.94
CA LYS A 277 -3.27 -2.08 21.94
C LYS A 277 -4.39 -2.09 22.99
N GLU A 278 -5.05 -0.95 23.15
CA GLU A 278 -6.13 -0.84 24.13
C GLU A 278 -7.26 -1.80 23.85
N ASN A 279 -7.43 -2.15 22.58
CA ASN A 279 -8.51 -3.03 22.14
C ASN A 279 -8.06 -4.45 21.79
N GLY A 280 -6.81 -4.76 22.13
CA GLY A 280 -6.31 -6.11 21.97
C GLY A 280 -6.19 -6.59 20.52
N ILE A 281 -6.00 -5.67 19.58
CA ILE A 281 -5.85 -6.05 18.19
C ILE A 281 -4.40 -6.44 17.91
N PRO A 282 -4.18 -7.65 17.41
CA PRO A 282 -2.80 -8.05 17.09
C PRO A 282 -2.26 -7.25 15.90
N PHE A 283 -1.06 -6.69 16.04
CA PHE A 283 -0.43 -5.97 14.94
C PHE A 283 1.08 -5.90 15.15
N ASN A 284 1.77 -5.50 14.10
CA ASN A 284 3.21 -5.25 14.16
C ASN A 284 3.55 -3.95 13.44
N ARG A 285 4.76 -3.47 13.65
CA ARG A 285 5.21 -2.25 12.99
C ARG A 285 6.66 -2.39 12.55
N ILE A 286 7.02 -1.64 11.50
CA ILE A 286 8.38 -1.64 11.01
C ILE A 286 8.61 -0.38 10.18
N THR A 287 9.84 0.09 10.14
CA THR A 287 10.18 1.26 9.33
C THR A 287 11.02 0.84 8.12
N GLN A 288 10.55 1.24 6.93
CA GLN A 288 11.19 1.00 5.65
C GLN A 288 12.08 2.18 5.29
N GLU A 289 13.31 1.91 4.88
CA GLU A 289 14.24 2.97 4.49
C GLU A 289 14.54 2.90 2.98
N ALA A 290 15.11 3.98 2.45
CA ALA A 290 15.40 4.04 1.02
C ALA A 290 16.27 2.85 0.60
N GLY A 291 15.91 2.25 -0.54
CA GLY A 291 16.62 1.10 -1.06
C GLY A 291 16.05 -0.24 -0.64
N GLU A 292 14.94 -0.22 0.10
CA GLU A 292 14.31 -1.45 0.61
C GLU A 292 12.93 -1.70 0.00
N PHE A 293 12.63 -2.97 -0.23
CA PHE A 293 11.31 -3.43 -0.66
C PHE A 293 10.46 -3.85 0.53
N MET A 294 9.16 -3.57 0.45
CA MET A 294 8.18 -4.20 1.34
C MET A 294 7.19 -4.97 0.48
N VAL A 295 6.77 -6.14 0.95
CA VAL A 295 5.68 -6.89 0.30
C VAL A 295 4.53 -7.02 1.28
N THR A 296 3.32 -6.64 0.86
CA THR A 296 2.13 -6.96 1.65
C THR A 296 1.46 -8.19 1.06
N PHE A 297 0.91 -9.02 1.94
CA PHE A 297 0.35 -10.31 1.56
C PHE A 297 -1.18 -10.24 1.55
N PRO A 298 -1.84 -11.15 0.82
CA PRO A 298 -3.30 -11.12 0.72
C PRO A 298 -4.02 -10.98 2.07
N TYR A 299 -4.89 -9.99 2.13
CA TYR A 299 -5.74 -9.70 3.30
C TYR A 299 -4.90 -9.27 4.52
N GLY A 300 -3.72 -8.72 4.27
CA GLY A 300 -2.93 -8.11 5.34
C GLY A 300 -3.25 -6.61 5.42
N TYR A 301 -4.07 -6.22 6.39
CA TYR A 301 -4.40 -4.80 6.59
C TYR A 301 -3.14 -4.03 6.95
N HIS A 302 -2.94 -2.88 6.33
CA HIS A 302 -1.78 -2.04 6.64
C HIS A 302 -2.12 -0.56 6.58
N ALA A 303 -1.31 0.23 7.28
CA ALA A 303 -1.43 1.68 7.36
C ALA A 303 -0.05 2.22 7.65
N GLY A 304 0.16 3.51 7.49
CA GLY A 304 1.44 4.08 7.83
C GLY A 304 1.60 5.55 7.48
N PHE A 305 2.83 6.02 7.59
CA PHE A 305 3.12 7.44 7.35
C PHE A 305 4.54 7.64 6.88
N ASN A 306 4.77 8.75 6.18
CA ASN A 306 6.10 9.11 5.72
C ASN A 306 6.80 10.07 6.68
N HIS A 307 8.12 9.93 6.79
CA HIS A 307 8.92 10.70 7.71
C HIS A 307 9.31 12.08 7.18
N GLY A 308 9.25 12.26 5.87
CA GLY A 308 9.77 13.46 5.22
C GLY A 308 9.68 13.24 3.72
N PHE A 309 10.31 14.12 2.93
CA PHE A 309 10.22 13.96 1.47
C PHE A 309 10.74 12.61 1.03
N ASN A 310 9.95 11.90 0.24
CA ASN A 310 10.40 10.63 -0.34
C ASN A 310 9.65 10.28 -1.60
N CYS A 311 10.10 9.21 -2.25
CA CYS A 311 9.44 8.69 -3.43
C CYS A 311 9.43 7.18 -3.38
N ALA A 312 8.23 6.60 -3.49
CA ALA A 312 8.06 5.16 -3.55
C ALA A 312 7.37 4.75 -4.84
N GLU A 313 7.56 3.49 -5.21
CA GLU A 313 6.91 2.90 -6.37
C GLU A 313 6.24 1.62 -5.91
N ALA A 314 5.00 1.38 -6.32
CA ALA A 314 4.28 0.18 -5.88
C ALA A 314 3.40 -0.39 -6.97
N ILE A 315 3.15 -1.68 -6.88
CA ILE A 315 2.26 -2.36 -7.82
C ILE A 315 1.63 -3.58 -7.12
N ASN A 316 0.42 -3.94 -7.54
CA ASN A 316 -0.18 -5.19 -7.09
C ASN A 316 0.31 -6.37 -7.91
N PHE A 317 0.36 -7.54 -7.29
CA PHE A 317 0.65 -8.77 -8.02
C PHE A 317 -0.08 -9.94 -7.37
N ALA A 318 -0.05 -11.08 -8.07
CA ALA A 318 -0.74 -12.27 -7.63
C ALA A 318 0.17 -13.49 -7.70
N THR A 319 -0.20 -14.52 -6.94
CA THR A 319 0.43 -15.84 -6.98
C THR A 319 -0.69 -16.87 -6.98
N PRO A 320 -0.36 -18.17 -7.18
CA PRO A 320 -1.44 -19.15 -7.07
C PRO A 320 -2.18 -19.12 -5.72
N ARG A 321 -1.47 -18.81 -4.63
CA ARG A 321 -2.12 -18.78 -3.32
C ARG A 321 -3.13 -17.64 -3.17
N TRP A 322 -2.99 -16.59 -3.98
CA TRP A 322 -3.92 -15.47 -3.92
C TRP A 322 -5.34 -15.83 -4.36
N ILE A 323 -5.48 -16.77 -5.30
CA ILE A 323 -6.77 -16.99 -5.95
C ILE A 323 -7.91 -17.17 -4.93
N ASP A 324 -7.69 -17.97 -3.89
CA ASP A 324 -8.73 -18.16 -2.90
C ASP A 324 -9.08 -16.89 -2.12
N TYR A 325 -8.09 -16.03 -1.90
CA TYR A 325 -8.37 -14.74 -1.26
C TYR A 325 -9.18 -13.83 -2.19
N GLY A 326 -8.85 -13.84 -3.47
CA GLY A 326 -9.62 -13.04 -4.42
C GLY A 326 -11.10 -13.45 -4.47
N LYS A 327 -11.36 -14.75 -4.38
CA LYS A 327 -12.73 -15.26 -4.36
C LYS A 327 -13.53 -14.77 -3.16
N MET A 328 -12.84 -14.55 -2.04
CA MET A 328 -13.49 -14.21 -0.77
C MET A 328 -13.46 -12.72 -0.43
N ALA A 329 -12.79 -11.92 -1.25
CA ALA A 329 -12.60 -10.51 -0.92
C ALA A 329 -13.91 -9.74 -0.75
N SER A 330 -14.01 -8.94 0.31
N SER A 330 -13.99 -8.96 0.31
CA SER A 330 -15.21 -8.15 0.55
CA SER A 330 -15.11 -8.07 0.51
C SER A 330 -15.19 -6.84 -0.26
C SER A 330 -15.14 -7.03 -0.59
N GLN A 331 -16.31 -6.49 -0.87
CA GLN A 331 -16.39 -5.39 -1.81
C GLN A 331 -17.23 -4.22 -1.33
N CYS A 332 -16.80 -3.02 -1.68
CA CYS A 332 -17.61 -1.84 -1.53
C CYS A 332 -18.56 -1.71 -2.72
N SER A 333 -19.84 -1.54 -2.44
CA SER A 333 -20.83 -1.30 -3.49
C SER A 333 -21.62 -0.02 -3.26
N CYS A 334 -21.20 0.77 -2.27
CA CYS A 334 -21.89 2.03 -1.95
C CYS A 334 -21.50 3.13 -2.91
N GLY A 335 -20.44 2.90 -3.67
CA GLY A 335 -20.01 3.86 -4.67
C GLY A 335 -18.77 4.67 -4.31
N GLU A 336 -18.35 4.62 -3.06
CA GLU A 336 -17.22 5.44 -2.64
C GLU A 336 -15.87 4.93 -3.15
N ALA A 337 -15.68 3.62 -3.14
CA ALA A 337 -14.36 3.04 -3.38
C ALA A 337 -13.78 3.34 -4.77
N ARG A 338 -14.61 3.20 -5.81
CA ARG A 338 -14.27 3.53 -7.21
C ARG A 338 -12.86 3.08 -7.65
N VAL A 339 -12.81 2.00 -8.44
CA VAL A 339 -11.56 1.29 -8.68
C VAL A 339 -11.17 1.34 -10.18
N THR A 340 -9.96 0.90 -10.50
CA THR A 340 -9.52 0.66 -11.86
C THR A 340 -10.43 -0.28 -12.69
N PHE A 341 -10.48 -0.13 -14.00
N PHE A 341 -10.42 0.03 -13.98
CA PHE A 341 -11.34 -1.06 -14.75
CA PHE A 341 -10.93 -0.78 -15.09
C PHE A 341 -10.72 -2.44 -14.84
C PHE A 341 -10.68 -2.27 -14.93
N SER A 342 -9.46 -2.56 -14.42
N SER A 342 -9.46 -2.61 -14.53
CA SER A 342 -8.80 -3.85 -14.37
CA SER A 342 -9.02 -4.00 -14.54
C SER A 342 -9.48 -4.79 -13.36
C SER A 342 -9.63 -4.84 -13.41
N MET A 343 -10.13 -4.20 -12.36
CA MET A 343 -10.79 -4.98 -11.32
C MET A 343 -12.11 -5.58 -11.78
N ASP A 344 -12.73 -5.01 -12.81
CA ASP A 344 -13.99 -5.54 -13.32
C ASP A 344 -13.90 -7.04 -13.59
N ALA A 345 -12.87 -7.44 -14.34
CA ALA A 345 -12.73 -8.83 -14.73
C ALA A 345 -12.50 -9.74 -13.54
N PHE A 346 -11.77 -9.24 -12.53
N PHE A 346 -11.81 -9.26 -12.51
CA PHE A 346 -11.51 -10.02 -11.32
CA PHE A 346 -11.55 -10.11 -11.35
C PHE A 346 -12.84 -10.37 -10.64
C PHE A 346 -12.82 -10.37 -10.53
N VAL A 347 -13.69 -9.36 -10.43
CA VAL A 347 -14.98 -9.57 -9.78
C VAL A 347 -15.86 -10.45 -10.67
N ARG A 348 -15.87 -10.17 -11.97
CA ARG A 348 -16.72 -10.89 -12.91
C ARG A 348 -16.44 -12.40 -12.89
N ILE A 349 -15.16 -12.77 -12.89
CA ILE A 349 -14.78 -14.17 -12.95
C ILE A 349 -14.72 -14.83 -11.56
N LEU A 350 -14.16 -14.16 -10.56
CA LEU A 350 -14.00 -14.80 -9.25
C LEU A 350 -15.22 -14.66 -8.36
N GLN A 351 -16.03 -13.62 -8.58
N GLN A 351 -16.02 -13.61 -8.55
CA GLN A 351 -17.20 -13.37 -7.74
CA GLN A 351 -17.22 -13.42 -7.73
C GLN A 351 -18.47 -13.09 -8.54
C GLN A 351 -18.43 -13.07 -8.58
N PRO A 352 -18.86 -14.02 -9.43
CA PRO A 352 -19.99 -13.72 -10.32
C PRO A 352 -21.29 -13.35 -9.60
N GLU A 353 -21.56 -13.88 -8.41
CA GLU A 353 -22.78 -13.52 -7.69
CA GLU A 353 -22.79 -13.50 -7.73
C GLU A 353 -22.76 -12.05 -7.30
N ARG A 354 -21.60 -11.55 -6.90
CA ARG A 354 -21.48 -10.18 -6.44
C ARG A 354 -21.38 -9.17 -7.56
N TYR A 355 -21.12 -9.66 -8.77
CA TYR A 355 -20.77 -8.78 -9.88
C TYR A 355 -21.83 -7.72 -10.21
N ASP A 356 -23.10 -8.11 -10.29
CA ASP A 356 -24.17 -7.17 -10.62
CA ASP A 356 -24.18 -7.17 -10.61
C ASP A 356 -24.22 -5.99 -9.63
N LEU A 357 -24.21 -6.30 -8.35
CA LEU A 357 -24.30 -5.27 -7.31
C LEU A 357 -23.05 -4.39 -7.28
N TRP A 358 -21.89 -5.00 -7.45
CA TRP A 358 -20.63 -4.26 -7.40
C TRP A 358 -20.53 -3.28 -8.58
N LYS A 359 -20.90 -3.73 -9.76
CA LYS A 359 -20.78 -2.92 -10.96
C LYS A 359 -21.72 -1.73 -10.91
N ARG A 360 -22.84 -1.89 -10.21
CA ARG A 360 -23.76 -0.79 -10.00
C ARG A 360 -23.13 0.35 -9.20
N GLY A 361 -22.18 0.03 -8.34
CA GLY A 361 -21.59 1.06 -7.50
C GLY A 361 -20.45 1.76 -8.24
N GLN A 362 -20.19 1.30 -9.46
CA GLN A 362 -19.03 1.65 -10.22
C GLN A 362 -19.50 2.38 -11.46
N ASP A 363 -20.83 2.43 -11.59
CA ASP A 363 -21.54 3.25 -12.56
C ASP A 363 -22.61 4.04 -11.82
ZN ZN B . -18.43 1.76 0.28
NI NI C . -1.42 -0.98 0.21
C1 OGA D . 1.21 -0.40 -0.62
C2 OGA D . 0.70 0.82 0.00
C4 OGA D . 0.85 3.22 0.31
C5 OGA D . 1.86 4.34 0.34
O1 OGA D . 0.48 -1.41 -0.58
O2 OGA D . 2.34 -0.40 -1.17
O2' OGA D . -0.38 0.78 0.60
O3 OGA D . 1.42 5.50 0.48
N1 OGA D . 1.40 1.95 -0.11
O4 OGA D . 3.08 4.07 0.20
C1 EDO E . 10.94 -9.82 -12.59
O1 EDO E . 11.95 -10.71 -13.05
C2 EDO E . 11.09 -8.46 -13.25
O2 EDO E . 12.32 -7.86 -12.85
C1 EDO F . 1.80 2.12 21.61
O1 EDO F . 2.12 0.82 21.13
C2 EDO F . 2.98 3.05 21.40
O2 EDO F . 3.19 3.26 20.00
C1 EDO G . -13.33 -4.65 4.45
O1 EDO G . -14.34 -5.51 5.00
C2 EDO G . -13.69 -3.18 4.61
O2 EDO G . -14.23 -2.85 5.91
C1 EDO H . 15.56 17.23 -13.30
O1 EDO H . 15.91 16.86 -11.96
C2 EDO H . 16.18 18.58 -13.64
O2 EDO H . 15.15 19.46 -14.10
C1 EDO I . 8.40 1.97 14.45
O1 EDO I . 8.91 1.29 13.29
C2 EDO I . 9.24 3.22 14.69
O2 EDO I . 10.48 3.04 13.99
C1 EDO J . 19.27 0.77 -5.18
O1 EDO J . 20.20 0.37 -4.17
C2 EDO J . 19.75 2.05 -5.83
O2 EDO J . 18.82 2.43 -6.86
C1 EDO K . -14.18 10.50 12.60
O1 EDO K . -15.24 9.54 12.59
C2 EDO K . -14.59 11.71 11.76
O2 EDO K . -14.81 11.30 10.41
C1 EDO L . 0.00 -0.64 -4.61
O1 EDO L . -0.14 0.43 -3.67
C2 EDO L . -0.48 -0.17 -5.97
O2 EDO L . -1.89 0.07 -5.90
S SO4 M . 14.87 22.15 -2.32
O1 SO4 M . 14.27 21.87 -1.02
O2 SO4 M . 16.14 22.84 -2.16
O3 SO4 M . 13.95 22.98 -3.11
O4 SO4 M . 15.10 20.88 -3.03
S SO4 N . 19.83 8.34 -14.72
O1 SO4 N . 21.14 8.89 -14.45
O2 SO4 N . 19.54 7.24 -13.81
O3 SO4 N . 18.80 9.38 -14.57
O4 SO4 N . 19.82 7.84 -16.09
S SO4 O . 6.35 17.17 21.32
O1 SO4 O . 5.38 16.79 22.33
O2 SO4 O . 7.04 18.39 21.74
O3 SO4 O . 5.67 17.41 20.05
O4 SO4 O . 7.32 16.09 21.15
S SO4 P . 5.17 18.01 14.77
O1 SO4 P . 6.17 18.53 15.69
O2 SO4 P . 4.92 16.61 15.07
O3 SO4 P . 5.64 18.15 13.39
O4 SO4 P . 3.91 18.75 14.93
N1 8P4 Q . 17.06 13.53 -5.76
C4 8P4 Q . 14.02 15.64 -6.23
C5 8P4 Q . 14.88 14.69 -5.70
C6 8P4 Q . 16.12 14.49 -6.25
C7 8P4 Q . 17.11 12.94 -4.56
C1 8P4 Q . 16.50 15.24 -7.35
C2 8P4 Q . 15.63 16.19 -7.88
C3 8P4 Q . 14.39 16.38 -7.31
N2 8P4 Q . 17.86 11.85 -4.42
S1 8P4 Q . 16.30 13.51 -3.16
F1 8P4 Q . 13.55 17.31 -7.83
#